data_1OTV
#
_entry.id   1OTV
#
_cell.length_a   74.151
_cell.length_b   118.127
_cell.length_c   68.838
_cell.angle_alpha   90.00
_cell.angle_beta   90.00
_cell.angle_gamma   90.00
#
_symmetry.space_group_name_H-M   'P 21 21 2'
#
loop_
_entity.id
_entity.type
_entity.pdbx_description
1 polymer 'Coenzyme PQQ synthesis protein C'
2 water water
#
_entity_poly.entity_id   1
_entity_poly.type   'polypeptide(L)'
_entity_poly.pdbx_seq_one_letter_code
;MLITDTLSPQAFEEALRAKGDFYHIHHPYHIAMHNGDATRKQIQGWVANRFYYQTTIPLKDAAIMANCPDAQTRRKWVQR
ILDHDGSHGEDGGIEAWLRLGEAVGLSRDDLLSERHVLPGVRFAVDAYLNFARRACWQEAACSSLTELFAPQIHQSRLDS
WPQHYPWIKEEGYFYFRSRLSQANRDVEHGLALAKAYCDSAEKQNRMLEILQFKLDILWSMLDAMTMAYALQRPPYHTVT
DKAAWHTTRLVLEHHHHHH
;
_entity_poly.pdbx_strand_id   A,B
#
# COMPACT_ATOMS: atom_id res chain seq x y z
N LEU A 2 25.83 3.44 -5.37
CA LEU A 2 25.27 4.73 -5.86
C LEU A 2 26.02 5.13 -7.09
N ILE A 3 25.38 5.91 -7.96
CA ILE A 3 26.08 6.44 -9.14
C ILE A 3 26.77 7.76 -8.83
N THR A 4 28.05 7.82 -9.18
CA THR A 4 28.96 8.91 -8.81
C THR A 4 29.04 9.98 -9.92
N ASP A 5 29.52 9.54 -11.07
CA ASP A 5 29.62 10.35 -12.28
C ASP A 5 28.73 9.72 -13.33
N THR A 6 28.15 10.58 -14.15
CA THR A 6 27.18 10.12 -15.11
C THR A 6 27.67 8.93 -15.92
N LEU A 7 26.89 7.86 -15.91
CA LEU A 7 27.11 6.68 -16.72
C LEU A 7 26.66 6.93 -18.13
N SER A 8 27.31 6.26 -19.08
CA SER A 8 26.87 6.25 -20.46
C SER A 8 25.53 5.55 -20.52
N PRO A 9 24.83 5.73 -21.62
CA PRO A 9 23.57 5.02 -21.86
C PRO A 9 23.70 3.50 -21.73
N GLN A 10 24.68 2.89 -22.39
CA GLN A 10 24.76 1.43 -22.33
C GLN A 10 25.10 0.98 -20.90
N ALA A 11 25.90 1.74 -20.18
CA ALA A 11 26.27 1.38 -18.80
C ALA A 11 25.11 1.62 -17.84
N PHE A 12 24.33 2.66 -18.14
CA PHE A 12 23.14 2.93 -17.34
C PHE A 12 22.16 1.79 -17.55
N GLU A 13 22.03 1.30 -18.78
CA GLU A 13 21.18 0.14 -19.02
C GLU A 13 21.54 -1.08 -18.13
N GLU A 14 22.82 -1.23 -17.82
CA GLU A 14 23.27 -2.43 -17.12
C GLU A 14 22.95 -2.28 -15.69
N ALA A 15 23.02 -1.04 -15.19
CA ALA A 15 22.60 -0.77 -13.82
C ALA A 15 21.09 -1.01 -13.65
N LEU A 16 20.29 -0.61 -14.64
CA LEU A 16 18.84 -0.92 -14.57
C LEU A 16 18.62 -2.45 -14.60
N ARG A 17 19.25 -3.14 -15.55
CA ARG A 17 19.14 -4.61 -15.62
C ARG A 17 19.55 -5.29 -14.34
N ALA A 18 20.51 -4.73 -13.60
CA ALA A 18 20.92 -5.38 -12.35
C ALA A 18 19.82 -5.45 -11.30
N LYS A 19 18.83 -4.53 -11.37
CA LYS A 19 17.73 -4.54 -10.42
C LYS A 19 16.86 -5.76 -10.55
N GLY A 20 16.93 -6.45 -11.69
CA GLY A 20 16.21 -7.72 -11.85
C GLY A 20 16.55 -8.79 -10.83
N ASP A 21 17.62 -8.60 -10.07
CA ASP A 21 17.93 -9.54 -8.96
C ASP A 21 16.84 -9.49 -7.88
N PHE A 22 16.15 -8.33 -7.80
CA PHE A 22 15.09 -8.13 -6.88
C PHE A 22 13.70 -8.46 -7.46
N TYR A 23 13.63 -9.02 -8.67
CA TYR A 23 12.31 -9.32 -9.26
C TYR A 23 11.58 -10.37 -8.43
N HIS A 24 10.25 -10.36 -8.53
CA HIS A 24 9.36 -11.08 -7.62
C HIS A 24 9.38 -12.61 -7.82
N ILE A 25 10.09 -13.07 -8.84
CA ILE A 25 10.25 -14.52 -9.07
C ILE A 25 11.15 -15.06 -7.99
N HIS A 26 11.86 -14.20 -7.27
CA HIS A 26 12.70 -14.68 -6.16
C HIS A 26 11.96 -14.69 -4.80
N HIS A 27 10.66 -14.37 -4.78
CA HIS A 27 9.85 -14.39 -3.55
C HIS A 27 9.40 -15.82 -3.22
N PRO A 28 9.48 -16.24 -1.96
CA PRO A 28 9.08 -17.59 -1.55
C PRO A 28 7.73 -18.01 -2.07
N TYR A 29 6.78 -17.10 -2.12
CA TYR A 29 5.45 -17.45 -2.59
C TYR A 29 5.47 -17.85 -4.07
N HIS A 30 6.17 -17.09 -4.91
CA HIS A 30 6.36 -17.44 -6.32
C HIS A 30 7.11 -18.74 -6.47
N ILE A 31 8.16 -18.93 -5.65
CA ILE A 31 8.96 -20.16 -5.72
C ILE A 31 8.11 -21.36 -5.40
N ALA A 32 7.35 -21.30 -4.32
CA ALA A 32 6.43 -22.38 -4.01
C ALA A 32 5.44 -22.64 -5.14
N MET A 33 4.87 -21.63 -5.78
CA MET A 33 3.97 -21.92 -6.87
C MET A 33 4.70 -22.66 -8.02
N HIS A 34 5.89 -22.17 -8.36
CA HIS A 34 6.66 -22.68 -9.50
C HIS A 34 7.15 -24.12 -9.22
N ASN A 35 7.40 -24.43 -7.94
CA ASN A 35 7.89 -25.73 -7.48
C ASN A 35 6.84 -26.81 -7.32
N GLY A 36 5.56 -26.45 -7.40
CA GLY A 36 4.53 -27.41 -7.12
C GLY A 36 4.15 -27.59 -5.66
N ASP A 37 4.60 -26.73 -4.72
CA ASP A 37 4.20 -26.85 -3.33
C ASP A 37 3.12 -25.89 -2.87
N ALA A 38 2.53 -25.11 -3.76
CA ALA A 38 1.48 -24.22 -3.33
C ALA A 38 0.14 -24.99 -3.22
N THR A 39 -0.73 -24.55 -2.31
CA THR A 39 -2.06 -25.12 -2.24
C THR A 39 -2.97 -24.50 -3.29
N ARG A 40 -4.14 -25.09 -3.42
CA ARG A 40 -5.15 -24.58 -4.34
C ARG A 40 -5.65 -23.20 -3.90
N LYS A 41 -5.81 -23.04 -2.59
CA LYS A 41 -6.23 -21.75 -2.03
C LYS A 41 -5.16 -20.65 -2.36
N GLN A 42 -3.88 -21.02 -2.32
CA GLN A 42 -2.76 -20.09 -2.57
C GLN A 42 -2.75 -19.70 -4.04
N ILE A 43 -3.07 -20.65 -4.89
CA ILE A 43 -3.07 -20.42 -6.35
C ILE A 43 -4.28 -19.58 -6.74
N GLN A 44 -5.43 -19.94 -6.18
CA GLN A 44 -6.66 -19.18 -6.44
C GLN A 44 -6.52 -17.73 -5.93
N GLY A 45 -5.93 -17.57 -4.77
CA GLY A 45 -5.70 -16.27 -4.17
C GLY A 45 -4.70 -15.44 -4.96
N TRP A 46 -3.67 -16.11 -5.46
CA TRP A 46 -2.72 -15.45 -6.37
C TRP A 46 -3.45 -14.99 -7.64
N VAL A 47 -4.23 -15.83 -8.30
CA VAL A 47 -4.88 -15.35 -9.56
C VAL A 47 -5.82 -14.14 -9.30
N ALA A 48 -6.61 -14.22 -8.23
CA ALA A 48 -7.59 -13.18 -7.90
C ALA A 48 -6.91 -11.86 -7.57
N ASN A 49 -5.82 -11.91 -6.82
CA ASN A 49 -5.08 -10.70 -6.44
C ASN A 49 -4.22 -10.16 -7.56
N ARG A 50 -3.55 -11.05 -8.30
CA ARG A 50 -2.82 -10.59 -9.47
C ARG A 50 -3.75 -9.94 -10.52
N PHE A 51 -4.98 -10.42 -10.62
CA PHE A 51 -5.97 -9.87 -11.55
C PHE A 51 -6.27 -8.38 -11.19
N TYR A 52 -6.21 -7.99 -9.91
CA TYR A 52 -6.41 -6.56 -9.49
C TYR A 52 -5.32 -5.71 -10.08
N TYR A 53 -4.09 -6.22 -10.05
CA TYR A 53 -2.95 -5.56 -10.68
C TYR A 53 -3.20 -5.43 -12.20
N GLN A 54 -3.59 -6.55 -12.81
CA GLN A 54 -3.82 -6.53 -14.27
C GLN A 54 -4.92 -5.56 -14.73
N THR A 55 -6.02 -5.46 -14.03
CA THR A 55 -7.05 -4.50 -14.37
C THR A 55 -6.67 -3.04 -14.09
N THR A 56 -5.56 -2.84 -13.37
CA THR A 56 -5.17 -1.50 -12.99
C THR A 56 -4.16 -0.94 -14.01
N ILE A 57 -3.45 -1.85 -14.68
CA ILE A 57 -2.41 -1.47 -15.61
C ILE A 57 -2.95 -0.51 -16.66
N PRO A 58 -4.11 -0.76 -17.21
CA PRO A 58 -4.72 0.15 -18.19
C PRO A 58 -5.03 1.54 -17.66
N LEU A 59 -5.44 1.60 -16.42
CA LEU A 59 -5.68 2.88 -15.77
C LEU A 59 -4.37 3.64 -15.59
N LYS A 60 -3.30 2.95 -15.18
CA LYS A 60 -1.99 3.51 -14.98
C LYS A 60 -1.37 3.94 -16.33
N ASP A 61 -1.58 3.16 -17.37
CA ASP A 61 -1.10 3.55 -18.68
C ASP A 61 -1.86 4.74 -19.25
N ALA A 62 -3.12 4.84 -18.96
CA ALA A 62 -3.92 6.01 -19.36
C ALA A 62 -3.49 7.26 -18.58
N ALA A 63 -3.12 7.08 -17.31
CA ALA A 63 -2.61 8.19 -16.49
C ALA A 63 -1.30 8.75 -17.05
N ILE A 64 -0.42 7.87 -17.50
CA ILE A 64 0.80 8.29 -18.22
C ILE A 64 0.48 9.12 -19.46
N MET A 65 -0.40 8.57 -20.31
CA MET A 65 -0.87 9.29 -21.50
C MET A 65 -1.49 10.66 -21.19
N ALA A 66 -2.28 10.76 -20.13
CA ALA A 66 -2.84 12.06 -19.76
C ALA A 66 -1.77 13.11 -19.38
N ASN A 67 -0.57 12.67 -19.04
CA ASN A 67 0.54 13.55 -18.65
C ASN A 67 1.56 13.68 -19.78
N CYS A 68 1.30 13.16 -20.98
CA CYS A 68 2.33 13.11 -22.03
C CYS A 68 1.86 13.92 -23.23
N PRO A 69 2.40 15.12 -23.39
CA PRO A 69 2.02 16.00 -24.50
C PRO A 69 2.75 15.63 -25.81
N ASP A 70 3.48 14.51 -25.88
CA ASP A 70 4.13 14.09 -27.10
C ASP A 70 3.33 13.00 -27.87
N ALA A 71 2.76 13.38 -29.00
CA ALA A 71 1.93 12.47 -29.78
C ALA A 71 2.60 11.16 -30.18
N GLN A 72 3.88 11.19 -30.49
CA GLN A 72 4.63 10.06 -30.97
C GLN A 72 4.74 9.02 -29.87
N THR A 73 5.05 9.46 -28.66
CA THR A 73 5.02 8.58 -27.50
C THR A 73 3.66 7.99 -27.27
N ARG A 74 2.64 8.83 -27.33
CA ARG A 74 1.30 8.37 -27.05
C ARG A 74 0.84 7.28 -28.06
N ARG A 75 1.32 7.34 -29.30
CA ARG A 75 0.89 6.35 -30.30
C ARG A 75 1.46 5.02 -30.01
N LYS A 76 2.66 4.98 -29.46
CA LYS A 76 3.17 3.69 -29.00
C LYS A 76 2.53 3.24 -27.68
N TRP A 77 2.36 4.19 -26.73
CA TRP A 77 1.84 3.86 -25.39
C TRP A 77 0.43 3.29 -25.42
N VAL A 78 -0.39 3.75 -26.34
CA VAL A 78 -1.79 3.38 -26.31
C VAL A 78 -1.97 1.89 -26.69
N GLN A 79 -0.97 1.29 -27.29
CA GLN A 79 -1.10 -0.13 -27.66
C GLN A 79 -1.12 -0.97 -26.41
N ARG A 80 -0.53 -0.47 -25.32
CA ARG A 80 -0.61 -1.19 -24.04
C ARG A 80 -2.04 -1.34 -23.59
N ILE A 81 -2.81 -0.26 -23.76
CA ILE A 81 -4.21 -0.30 -23.43
C ILE A 81 -5.00 -1.25 -24.35
N LEU A 82 -4.75 -1.18 -25.62
CA LEU A 82 -5.36 -2.09 -26.59
C LEU A 82 -4.95 -3.54 -26.23
N ASP A 83 -3.72 -3.79 -25.83
CA ASP A 83 -3.31 -5.15 -25.45
C ASP A 83 -4.15 -5.71 -24.30
N HIS A 84 -4.34 -4.90 -23.25
CA HIS A 84 -5.08 -5.29 -22.05
C HIS A 84 -6.60 -5.36 -22.25
N ASP A 85 -7.19 -4.40 -22.94
CA ASP A 85 -8.64 -4.33 -22.99
C ASP A 85 -9.19 -5.06 -24.22
N GLY A 86 -8.35 -5.36 -25.19
CA GLY A 86 -8.79 -5.89 -26.47
C GLY A 86 -9.17 -4.76 -27.41
N SER A 87 -9.13 -5.00 -28.72
CA SER A 87 -9.59 -4.04 -29.74
C SER A 87 -10.31 -4.69 -30.92
N HIS A 88 -11.00 -3.87 -31.74
CA HIS A 88 -11.81 -4.36 -32.88
C HIS A 88 -12.56 -5.64 -32.48
N GLY A 89 -13.33 -5.57 -31.39
CA GLY A 89 -14.05 -6.73 -30.88
C GLY A 89 -13.26 -7.87 -30.22
N GLU A 90 -11.98 -8.06 -30.60
CA GLU A 90 -11.10 -9.12 -30.08
C GLU A 90 -10.84 -8.98 -28.56
N ASP A 91 -10.25 -9.99 -27.94
CA ASP A 91 -10.45 -10.22 -26.51
C ASP A 91 -9.53 -9.48 -25.51
N GLY A 92 -8.22 -9.55 -25.71
CA GLY A 92 -7.30 -8.88 -24.79
C GLY A 92 -6.81 -9.63 -23.57
N GLY A 93 -5.74 -9.13 -22.96
CA GLY A 93 -5.09 -9.82 -21.88
C GLY A 93 -5.95 -9.98 -20.65
N ILE A 94 -6.84 -9.04 -20.41
CA ILE A 94 -7.69 -9.15 -19.27
C ILE A 94 -8.59 -10.41 -19.41
N GLU A 95 -9.08 -10.70 -20.60
CA GLU A 95 -9.86 -11.93 -20.79
C GLU A 95 -8.97 -13.19 -20.57
N ALA A 96 -7.68 -13.10 -20.84
CA ALA A 96 -6.80 -14.22 -20.61
C ALA A 96 -6.70 -14.51 -19.13
N TRP A 97 -6.66 -13.47 -18.30
CA TRP A 97 -6.60 -13.69 -16.86
C TRP A 97 -7.89 -14.26 -16.34
N LEU A 98 -9.00 -13.80 -16.86
CA LEU A 98 -10.30 -14.39 -16.45
C LEU A 98 -10.40 -15.89 -16.79
N ARG A 99 -9.88 -16.26 -17.94
CA ARG A 99 -9.84 -17.66 -18.33
C ARG A 99 -8.93 -18.45 -17.38
N LEU A 100 -7.82 -17.86 -16.97
CA LEU A 100 -6.91 -18.50 -16.02
C LEU A 100 -7.62 -18.72 -14.68
N GLY A 101 -8.40 -17.73 -14.25
CA GLY A 101 -9.19 -17.83 -13.04
C GLY A 101 -10.19 -18.98 -13.10
N GLU A 102 -10.93 -19.08 -14.21
CA GLU A 102 -11.83 -20.21 -14.43
C GLU A 102 -11.09 -21.50 -14.38
N ALA A 103 -9.95 -21.55 -15.06
CA ALA A 103 -9.13 -22.74 -15.10
C ALA A 103 -8.63 -23.26 -13.70
N VAL A 104 -8.46 -22.35 -12.75
CA VAL A 104 -8.11 -22.74 -11.39
C VAL A 104 -9.30 -22.78 -10.43
N GLY A 105 -10.49 -22.60 -10.94
CA GLY A 105 -11.70 -22.86 -10.17
C GLY A 105 -12.49 -21.69 -9.67
N LEU A 106 -12.09 -20.48 -10.07
CA LEU A 106 -12.79 -19.28 -9.67
C LEU A 106 -13.81 -18.89 -10.74
N SER A 107 -14.91 -18.28 -10.35
CA SER A 107 -15.88 -17.78 -11.35
C SER A 107 -15.46 -16.39 -11.85
N ARG A 108 -15.89 -16.03 -13.06
CA ARG A 108 -15.70 -14.66 -13.57
C ARG A 108 -16.18 -13.62 -12.61
N ASP A 109 -17.31 -13.83 -11.96
CA ASP A 109 -17.78 -12.85 -11.00
C ASP A 109 -16.82 -12.74 -9.81
N ASP A 110 -16.23 -13.85 -9.39
CA ASP A 110 -15.24 -13.78 -8.30
C ASP A 110 -14.15 -12.76 -8.70
N LEU A 111 -13.66 -12.84 -9.93
CA LEU A 111 -12.54 -12.02 -10.34
C LEU A 111 -13.00 -10.59 -10.54
N LEU A 112 -14.08 -10.41 -11.30
CA LEU A 112 -14.52 -9.10 -11.78
C LEU A 112 -14.98 -8.29 -10.63
N SER A 113 -15.57 -8.94 -9.64
CA SER A 113 -16.09 -8.21 -8.52
C SER A 113 -14.98 -7.64 -7.62
N GLU A 114 -13.76 -8.20 -7.75
CA GLU A 114 -12.63 -7.78 -6.93
C GLU A 114 -12.82 -7.98 -5.45
N ARG A 115 -13.81 -8.75 -5.07
CA ARG A 115 -14.03 -9.01 -3.65
C ARG A 115 -12.96 -9.77 -2.87
N HIS A 116 -12.17 -10.58 -3.52
CA HIS A 116 -11.15 -11.33 -2.82
C HIS A 116 -9.82 -10.59 -2.76
N VAL A 117 -9.72 -9.39 -3.34
CA VAL A 117 -8.46 -8.67 -3.34
C VAL A 117 -8.09 -8.20 -1.90
N LEU A 118 -6.91 -8.59 -1.46
CA LEU A 118 -6.42 -8.24 -0.12
C LEU A 118 -6.00 -6.76 -0.06
N PRO A 119 -6.25 -6.11 1.04
CA PRO A 119 -5.95 -4.68 1.17
C PRO A 119 -4.53 -4.40 0.90
N GLY A 120 -3.61 -5.27 1.35
CA GLY A 120 -2.20 -5.08 1.13
C GLY A 120 -1.85 -5.11 -0.34
N VAL A 121 -2.56 -5.95 -1.12
CA VAL A 121 -2.38 -5.92 -2.54
C VAL A 121 -2.91 -4.63 -3.15
N ARG A 122 -4.10 -4.27 -2.74
CA ARG A 122 -4.74 -3.04 -3.15
C ARG A 122 -3.91 -1.80 -2.91
N PHE A 123 -3.29 -1.69 -1.74
CA PHE A 123 -2.51 -0.51 -1.43
C PHE A 123 -1.23 -0.44 -2.29
N ALA A 124 -0.62 -1.57 -2.55
CA ALA A 124 0.59 -1.61 -3.37
C ALA A 124 0.27 -1.30 -4.84
N VAL A 125 -0.77 -1.94 -5.34
CA VAL A 125 -1.20 -1.66 -6.68
C VAL A 125 -1.64 -0.19 -6.89
N ASP A 126 -2.38 0.35 -5.92
CA ASP A 126 -2.84 1.73 -6.04
C ASP A 126 -1.68 2.72 -5.98
N ALA A 127 -0.61 2.39 -5.21
CA ALA A 127 0.58 3.25 -5.17
C ALA A 127 1.18 3.41 -6.54
N TYR A 128 1.07 2.36 -7.37
CA TYR A 128 1.58 2.41 -8.75
C TYR A 128 0.75 3.41 -9.56
N LEU A 129 -0.56 3.30 -9.47
CA LEU A 129 -1.44 4.13 -10.26
C LEU A 129 -1.26 5.58 -9.79
N ASN A 130 -1.12 5.79 -8.48
CA ASN A 130 -0.99 7.16 -7.98
C ASN A 130 0.34 7.80 -8.32
N PHE A 131 1.41 7.03 -8.34
CA PHE A 131 2.69 7.49 -8.89
C PHE A 131 2.58 7.94 -10.36
N ALA A 132 1.96 7.11 -11.19
CA ALA A 132 1.74 7.44 -12.62
C ALA A 132 0.85 8.69 -12.80
N ARG A 133 -0.08 8.94 -11.89
CA ARG A 133 -0.96 10.09 -12.02
C ARG A 133 -0.16 11.37 -11.74
N ARG A 134 0.80 11.31 -10.84
CA ARG A 134 1.49 12.54 -10.34
C ARG A 134 2.88 12.80 -10.89
N ALA A 135 3.64 11.74 -11.19
CA ALA A 135 5.00 11.86 -11.70
C ALA A 135 5.02 12.29 -13.14
N CYS A 136 6.11 12.94 -13.59
CA CYS A 136 6.25 13.30 -15.02
C CYS A 136 6.21 12.01 -15.85
N TRP A 137 5.73 12.16 -17.08
CA TRP A 137 5.38 11.00 -17.86
C TRP A 137 6.59 10.13 -18.13
N GLN A 138 7.78 10.72 -18.26
CA GLN A 138 9.02 9.92 -18.55
C GLN A 138 9.32 8.92 -17.41
N GLU A 139 9.27 9.41 -16.17
CA GLU A 139 9.54 8.61 -14.98
C GLU A 139 8.49 7.53 -14.78
N ALA A 140 7.22 7.86 -15.07
CA ALA A 140 6.19 6.91 -14.89
C ALA A 140 6.30 5.81 -15.96
N ALA A 141 6.62 6.19 -17.19
CA ALA A 141 6.76 5.21 -18.28
C ALA A 141 7.91 4.25 -18.05
N CYS A 142 9.01 4.77 -17.53
CA CYS A 142 10.23 3.95 -17.39
C CYS A 142 10.05 2.80 -16.40
N SER A 143 9.17 2.99 -15.43
CA SER A 143 8.94 1.94 -14.46
C SER A 143 8.32 0.66 -15.10
N SER A 144 7.77 0.75 -16.31
CA SER A 144 7.23 -0.41 -16.97
C SER A 144 8.38 -1.33 -17.47
N LEU A 145 9.62 -0.90 -17.37
CA LEU A 145 10.66 -1.78 -17.83
C LEU A 145 10.90 -3.08 -17.06
N THR A 146 10.24 -3.30 -15.90
CA THR A 146 10.43 -4.54 -15.15
C THR A 146 9.92 -5.72 -15.96
N GLU A 147 9.13 -5.42 -16.97
CA GLU A 147 8.64 -6.46 -17.90
C GLU A 147 9.78 -7.20 -18.65
N LEU A 148 10.90 -6.52 -18.80
CA LEU A 148 12.11 -7.12 -19.32
C LEU A 148 12.69 -8.24 -18.48
N PHE A 149 12.33 -8.30 -17.19
CA PHE A 149 12.84 -9.31 -16.28
C PHE A 149 11.99 -10.60 -16.34
N ALA A 150 10.82 -10.54 -16.96
CA ALA A 150 9.97 -11.73 -17.08
C ALA A 150 10.74 -12.76 -17.91
N PRO A 151 10.81 -14.02 -17.47
CA PRO A 151 11.47 -15.17 -18.11
C PRO A 151 10.82 -15.50 -19.48
N GLN A 152 11.15 -16.63 -19.99
CA GLN A 152 10.73 -17.16 -21.30
C GLN A 152 9.21 -17.27 -21.46
N ILE A 153 8.49 -16.17 -21.32
CA ILE A 153 7.01 -16.02 -21.38
C ILE A 153 6.16 -17.23 -20.89
N HIS A 154 6.47 -17.76 -19.70
CA HIS A 154 5.72 -18.86 -19.03
C HIS A 154 5.72 -20.25 -19.71
N GLN A 155 6.88 -20.66 -20.32
CA GLN A 155 6.94 -21.91 -21.05
C GLN A 155 8.25 -22.68 -20.84
N SER A 156 8.05 -24.00 -20.57
CA SER A 156 9.13 -24.95 -20.35
C SER A 156 8.71 -26.37 -20.79
N ARG A 157 9.72 -27.22 -21.02
CA ARG A 157 9.56 -28.64 -21.36
C ARG A 157 8.86 -29.32 -20.12
N LEU A 158 7.60 -29.77 -20.33
CA LEU A 158 6.62 -30.27 -19.36
C LEU A 158 6.72 -29.76 -17.91
N ASP A 159 7.86 -29.20 -17.47
CA ASP A 159 7.89 -28.68 -16.09
C ASP A 159 7.06 -27.41 -16.08
N SER A 160 6.02 -27.40 -15.31
CA SER A 160 5.06 -26.33 -15.34
C SER A 160 4.16 -26.60 -14.19
N TRP A 161 2.99 -26.02 -14.42
CA TRP A 161 1.83 -26.14 -13.62
C TRP A 161 0.96 -27.40 -13.90
N PRO A 162 0.80 -27.97 -15.15
CA PRO A 162 -0.13 -29.09 -15.34
C PRO A 162 0.32 -30.38 -14.64
N GLN A 163 1.62 -30.61 -14.52
CA GLN A 163 2.10 -31.82 -13.85
C GLN A 163 2.04 -31.72 -12.31
N HIS A 164 2.13 -30.49 -11.78
CA HIS A 164 2.11 -30.27 -10.35
C HIS A 164 0.69 -30.05 -9.83
N TYR A 165 -0.14 -29.53 -10.72
CA TYR A 165 -1.50 -29.17 -10.42
C TYR A 165 -2.40 -29.71 -11.52
N PRO A 166 -2.59 -31.02 -11.60
CA PRO A 166 -3.37 -31.61 -12.70
C PRO A 166 -4.82 -31.22 -12.63
N TRP A 167 -5.26 -30.76 -11.47
CA TRP A 167 -6.60 -30.22 -11.29
C TRP A 167 -6.87 -28.87 -12.04
N ILE A 168 -5.86 -28.30 -12.66
CA ILE A 168 -6.04 -27.09 -13.44
C ILE A 168 -6.65 -27.44 -14.81
N LYS A 169 -7.68 -26.70 -15.22
CA LYS A 169 -8.43 -27.07 -16.43
C LYS A 169 -7.60 -26.75 -17.67
N GLU A 170 -7.51 -27.69 -18.56
CA GLU A 170 -6.56 -27.47 -19.64
C GLU A 170 -6.94 -26.42 -20.69
N GLU A 171 -8.25 -26.19 -20.89
CA GLU A 171 -8.72 -25.23 -21.91
C GLU A 171 -8.32 -23.78 -21.51
N GLY A 172 -8.76 -23.37 -20.32
CA GLY A 172 -8.45 -22.05 -19.74
C GLY A 172 -6.95 -21.71 -19.68
N TYR A 173 -6.18 -22.73 -19.32
CA TYR A 173 -4.77 -22.58 -19.09
C TYR A 173 -4.05 -22.33 -20.38
N PHE A 174 -4.44 -23.08 -21.40
CA PHE A 174 -3.86 -22.92 -22.72
C PHE A 174 -4.34 -21.60 -23.35
N TYR A 175 -5.60 -21.26 -23.21
CA TYR A 175 -6.03 -19.94 -23.69
C TYR A 175 -5.15 -18.81 -23.06
N PHE A 176 -4.93 -18.89 -21.75
CA PHE A 176 -4.07 -17.93 -21.05
C PHE A 176 -2.66 -17.84 -21.64
N ARG A 177 -1.97 -18.95 -21.79
CA ARG A 177 -0.60 -18.90 -22.32
C ARG A 177 -0.56 -18.37 -23.75
N SER A 178 -1.51 -18.78 -24.56
CA SER A 178 -1.48 -18.35 -25.94
C SER A 178 -1.88 -16.88 -26.07
N ARG A 179 -2.97 -16.49 -25.43
CA ARG A 179 -3.51 -15.16 -25.56
C ARG A 179 -2.52 -14.08 -25.11
N LEU A 180 -1.66 -14.35 -24.13
CA LEU A 180 -0.68 -13.37 -23.64
C LEU A 180 0.52 -13.24 -24.59
N SER A 181 0.88 -14.34 -25.26
CA SER A 181 1.98 -14.29 -26.27
C SER A 181 1.75 -13.34 -27.47
N GLN A 182 0.50 -12.92 -27.71
CA GLN A 182 0.13 -12.05 -28.83
C GLN A 182 0.07 -10.52 -28.55
N ALA A 183 0.66 -10.07 -27.45
CA ALA A 183 0.63 -8.65 -27.11
C ALA A 183 1.53 -7.89 -28.09
N ASN A 184 1.14 -6.67 -28.42
CA ASN A 184 1.83 -5.82 -29.41
C ASN A 184 2.64 -4.67 -28.82
N ARG A 185 2.51 -4.42 -27.53
CA ARG A 185 3.28 -3.37 -26.91
C ARG A 185 4.78 -3.65 -27.01
N ASP A 186 5.55 -2.57 -27.08
CA ASP A 186 7.01 -2.57 -27.11
C ASP A 186 7.59 -2.44 -25.70
N VAL A 187 7.96 -3.61 -25.21
CA VAL A 187 8.34 -3.82 -23.83
C VAL A 187 9.68 -3.14 -23.48
N GLU A 188 10.47 -2.89 -24.52
CA GLU A 188 11.70 -2.13 -24.39
C GLU A 188 11.51 -0.61 -24.29
N HIS A 189 10.29 -0.11 -24.54
CA HIS A 189 10.09 1.34 -24.72
C HIS A 189 10.63 2.03 -23.46
N GLY A 190 10.25 1.52 -22.28
CA GLY A 190 10.64 2.17 -21.02
C GLY A 190 12.14 2.24 -20.83
N LEU A 191 12.86 1.23 -21.35
CA LEU A 191 14.30 1.18 -21.25
C LEU A 191 14.93 2.17 -22.25
N ALA A 192 14.44 2.22 -23.48
CA ALA A 192 14.91 3.25 -24.40
C ALA A 192 14.62 4.73 -23.91
N LEU A 193 13.44 4.98 -23.36
CA LEU A 193 13.18 6.29 -22.73
C LEU A 193 14.08 6.59 -21.54
N ALA A 194 14.36 5.60 -20.70
CA ALA A 194 15.31 5.81 -19.58
C ALA A 194 16.70 6.21 -20.07
N LYS A 195 17.18 5.53 -21.08
CA LYS A 195 18.53 5.83 -21.59
C LYS A 195 18.64 7.22 -22.21
N ALA A 196 17.56 7.67 -22.84
CA ALA A 196 17.55 8.98 -23.47
C ALA A 196 17.32 10.11 -22.44
N TYR A 197 16.33 9.91 -21.56
CA TYR A 197 15.93 10.90 -20.54
C TYR A 197 16.93 11.04 -19.43
N CYS A 198 17.46 9.92 -18.88
CA CYS A 198 18.32 9.96 -17.70
C CYS A 198 19.79 10.21 -18.05
N ASP A 199 20.13 11.46 -18.29
CA ASP A 199 21.41 11.80 -18.90
C ASP A 199 22.28 12.57 -17.94
N SER A 200 21.99 12.47 -16.65
CA SER A 200 22.79 13.00 -15.57
C SER A 200 22.77 12.00 -14.42
N ALA A 201 23.77 12.12 -13.55
CA ALA A 201 23.87 11.28 -12.39
C ALA A 201 22.62 11.39 -11.52
N GLU A 202 22.12 12.60 -11.33
CA GLU A 202 20.95 12.82 -10.49
C GLU A 202 19.74 12.08 -11.08
N LYS A 203 19.48 12.19 -12.37
CA LYS A 203 18.37 11.45 -12.97
C LYS A 203 18.55 9.92 -12.91
N GLN A 204 19.78 9.47 -13.08
CA GLN A 204 20.08 8.06 -13.06
C GLN A 204 19.80 7.46 -11.69
N ASN A 205 20.27 8.10 -10.65
CA ASN A 205 20.01 7.63 -9.29
C ASN A 205 18.51 7.67 -8.97
N ARG A 206 17.82 8.71 -9.43
CA ARG A 206 16.41 8.80 -9.15
C ARG A 206 15.67 7.64 -9.87
N MET A 207 16.05 7.37 -11.10
CA MET A 207 15.39 6.32 -11.88
C MET A 207 15.60 4.97 -11.26
N LEU A 208 16.77 4.75 -10.68
CA LEU A 208 17.05 3.50 -10.01
C LEU A 208 16.17 3.32 -8.78
N GLU A 209 15.91 4.40 -8.07
CA GLU A 209 14.98 4.39 -6.92
C GLU A 209 13.52 4.15 -7.39
N ILE A 210 13.15 4.69 -8.55
CA ILE A 210 11.82 4.49 -9.11
C ILE A 210 11.62 3.02 -9.51
N LEU A 211 12.64 2.43 -10.09
CA LEU A 211 12.54 1.03 -10.41
C LEU A 211 12.47 0.21 -9.16
N GLN A 212 13.14 0.65 -8.12
CA GLN A 212 13.11 -0.07 -6.86
C GLN A 212 11.70 -0.02 -6.27
N PHE A 213 11.10 1.16 -6.32
CA PHE A 213 9.71 1.36 -5.91
C PHE A 213 8.78 0.38 -6.66
N LYS A 214 8.99 0.24 -7.96
CA LYS A 214 8.20 -0.69 -8.73
C LYS A 214 8.45 -2.12 -8.26
N LEU A 215 9.70 -2.48 -7.97
CA LEU A 215 9.99 -3.80 -7.48
C LEU A 215 9.35 -4.04 -6.11
N ASP A 216 9.27 -3.01 -5.30
CA ASP A 216 8.74 -3.11 -3.92
C ASP A 216 7.23 -3.34 -3.98
N ILE A 217 6.57 -2.77 -4.99
CA ILE A 217 5.17 -3.05 -5.26
C ILE A 217 4.88 -4.55 -5.46
N LEU A 218 5.61 -5.14 -6.36
CA LEU A 218 5.48 -6.53 -6.72
C LEU A 218 5.79 -7.44 -5.53
N TRP A 219 6.88 -7.15 -4.83
CA TRP A 219 7.21 -7.96 -3.64
C TRP A 219 6.16 -7.82 -2.55
N SER A 220 5.67 -6.61 -2.34
CA SER A 220 4.72 -6.34 -1.26
C SER A 220 3.30 -6.98 -1.57
N MET A 221 2.96 -7.09 -2.86
CA MET A 221 1.77 -7.83 -3.19
C MET A 221 1.90 -9.28 -2.74
N LEU A 222 3.05 -9.95 -2.99
CA LEU A 222 3.25 -11.34 -2.57
C LEU A 222 3.40 -11.46 -1.03
N ASP A 223 3.89 -10.44 -0.36
CA ASP A 223 3.89 -10.47 1.14
C ASP A 223 2.48 -10.57 1.73
N ALA A 224 1.55 -9.78 1.17
CA ALA A 224 0.19 -9.79 1.62
C ALA A 224 -0.47 -11.15 1.36
N MET A 225 -0.19 -11.77 0.22
CA MET A 225 -0.75 -13.06 -0.09
C MET A 225 -0.14 -14.13 0.83
N THR A 226 1.13 -14.03 1.14
CA THR A 226 1.79 -14.94 2.07
C THR A 226 1.12 -14.91 3.41
N MET A 227 0.90 -13.70 3.88
CA MET A 227 0.28 -13.49 5.19
C MET A 227 -1.15 -14.08 5.23
N ALA A 228 -1.93 -13.88 4.13
CA ALA A 228 -3.28 -14.39 4.10
C ALA A 228 -3.34 -15.88 3.86
N TYR A 229 -2.59 -16.40 2.89
CA TYR A 229 -2.90 -17.74 2.43
C TYR A 229 -1.86 -18.77 2.81
N ALA A 230 -0.67 -18.34 3.21
CA ALA A 230 0.36 -19.28 3.57
C ALA A 230 0.52 -19.27 5.07
N LEU A 231 0.26 -18.16 5.74
CA LEU A 231 0.49 -18.13 7.17
C LEU A 231 -0.81 -18.11 8.01
N GLN A 232 -1.97 -18.21 7.37
CA GLN A 232 -3.26 -18.20 8.03
C GLN A 232 -3.47 -16.90 8.85
N ARG A 233 -2.97 -15.76 8.35
CA ARG A 233 -3.15 -14.50 9.01
C ARG A 233 -3.77 -13.42 8.10
N PRO A 234 -4.91 -13.69 7.52
CA PRO A 234 -5.57 -12.67 6.69
C PRO A 234 -6.01 -11.53 7.62
N PRO A 235 -6.38 -10.38 7.05
CA PRO A 235 -6.77 -9.24 7.88
C PRO A 235 -7.88 -9.66 8.87
N TYR A 236 -7.74 -9.21 10.11
CA TYR A 236 -8.78 -9.41 11.14
C TYR A 236 -8.96 -10.89 11.56
N HIS A 237 -7.98 -11.77 11.31
CA HIS A 237 -8.18 -13.17 11.65
C HIS A 237 -8.39 -13.41 13.18
N THR A 238 -7.91 -12.50 14.02
CA THR A 238 -8.17 -12.61 15.48
C THR A 238 -9.58 -12.30 15.92
N VAL A 239 -10.35 -11.59 15.09
CA VAL A 239 -11.67 -11.18 15.47
C VAL A 239 -12.78 -11.87 14.70
N THR A 240 -12.50 -12.28 13.48
CA THR A 240 -13.53 -12.92 12.66
C THR A 240 -12.85 -13.89 11.72
N ASP A 241 -13.57 -14.90 11.24
CA ASP A 241 -13.03 -15.79 10.22
C ASP A 241 -13.57 -15.46 8.80
N LYS A 242 -14.49 -14.50 8.70
CA LYS A 242 -14.96 -14.11 7.39
C LYS A 242 -14.19 -12.89 6.89
N ALA A 243 -14.36 -12.57 5.63
CA ALA A 243 -13.70 -11.45 4.99
C ALA A 243 -14.41 -10.18 5.39
N ALA A 244 -13.71 -9.25 5.98
CA ALA A 244 -14.31 -7.97 6.31
C ALA A 244 -13.56 -6.75 5.75
N TRP A 245 -12.61 -6.94 4.85
CA TRP A 245 -11.83 -5.79 4.35
C TRP A 245 -12.69 -5.04 3.37
N HIS A 246 -12.39 -3.75 3.13
CA HIS A 246 -13.09 -2.98 2.12
C HIS A 246 -12.84 -3.55 0.72
N THR A 247 -13.84 -3.43 -0.14
CA THR A 247 -13.82 -4.12 -1.45
C THR A 247 -14.16 -3.22 -2.62
N THR A 248 -13.99 -1.93 -2.44
CA THR A 248 -14.39 -0.99 -3.42
C THR A 248 -13.23 -0.03 -3.74
N ARG A 249 -13.05 0.30 -5.00
CA ARG A 249 -12.08 1.34 -5.36
C ARG A 249 -12.72 2.69 -5.07
N LEU A 250 -12.60 3.16 -3.83
CA LEU A 250 -13.38 4.31 -3.33
C LEU A 250 -13.35 5.61 -4.16
N VAL A 251 -12.20 5.95 -4.73
CA VAL A 251 -12.09 7.25 -5.41
C VAL A 251 -12.60 7.19 -6.85
N LEU A 252 -12.92 6.01 -7.36
CA LEU A 252 -13.29 5.84 -8.77
C LEU A 252 -14.68 5.25 -9.00
N GLU A 253 -15.27 4.72 -7.96
CA GLU A 253 -16.61 4.15 -8.07
C GLU A 253 -17.33 4.47 -6.77
N HIS A 254 -18.59 4.86 -6.86
CA HIS A 254 -19.38 5.07 -5.65
C HIS A 254 -19.52 3.78 -4.80
N HIS A 255 -19.93 2.69 -5.48
CA HIS A 255 -20.02 1.36 -4.89
C HIS A 255 -20.02 0.30 -6.00
N LEU B 2 -25.58 -4.46 5.62
CA LEU B 2 -26.05 -3.50 4.60
C LEU B 2 -27.29 -2.71 5.07
N ILE B 3 -27.35 -1.44 4.69
CA ILE B 3 -28.40 -0.54 5.12
C ILE B 3 -29.40 -0.37 3.97
N THR B 4 -30.69 -0.55 4.25
CA THR B 4 -31.74 -0.31 3.26
C THR B 4 -32.52 0.95 3.54
N ASP B 5 -32.99 1.13 4.77
CA ASP B 5 -33.69 2.35 5.20
C ASP B 5 -32.69 3.26 5.92
N THR B 6 -32.64 4.52 5.54
CA THR B 6 -31.72 5.47 6.18
C THR B 6 -31.74 5.36 7.70
N LEU B 7 -30.59 5.09 8.28
CA LEU B 7 -30.42 5.06 9.73
C LEU B 7 -30.56 6.46 10.28
N SER B 8 -30.94 6.56 11.54
CA SER B 8 -31.04 7.85 12.20
C SER B 8 -29.65 8.26 12.67
N PRO B 9 -29.41 9.54 12.92
CA PRO B 9 -28.12 9.95 13.49
C PRO B 9 -27.66 9.03 14.60
N GLN B 10 -28.56 8.60 15.48
CA GLN B 10 -28.11 7.82 16.66
C GLN B 10 -27.69 6.42 16.27
N ALA B 11 -28.52 5.72 15.52
CA ALA B 11 -28.18 4.36 15.12
C ALA B 11 -26.98 4.33 14.14
N PHE B 12 -26.83 5.37 13.31
CA PHE B 12 -25.68 5.49 12.43
C PHE B 12 -24.40 5.60 13.25
N GLU B 13 -24.41 6.43 14.30
CA GLU B 13 -23.30 6.48 15.23
C GLU B 13 -22.96 5.09 15.77
N GLU B 14 -23.96 4.27 15.96
CA GLU B 14 -23.72 2.95 16.51
C GLU B 14 -23.18 1.97 15.43
N ALA B 15 -23.59 2.10 14.17
CA ALA B 15 -22.94 1.34 13.11
C ALA B 15 -21.44 1.74 12.97
N LEU B 16 -21.16 3.03 13.07
CA LEU B 16 -19.78 3.54 13.00
C LEU B 16 -18.89 3.02 14.14
N ARG B 17 -19.40 3.13 15.35
CA ARG B 17 -18.70 2.64 16.51
C ARG B 17 -18.49 1.14 16.51
N ALA B 18 -19.39 0.38 15.94
CA ALA B 18 -19.20 -1.07 15.86
C ALA B 18 -17.99 -1.51 14.95
N LYS B 19 -17.56 -0.64 14.02
CA LYS B 19 -16.33 -0.90 13.26
C LYS B 19 -15.13 -0.90 14.18
N GLY B 20 -15.27 -0.36 15.39
CA GLY B 20 -14.22 -0.38 16.41
C GLY B 20 -13.67 -1.76 16.77
N ASP B 21 -14.48 -2.77 16.52
CA ASP B 21 -14.07 -4.16 16.73
C ASP B 21 -12.90 -4.56 15.82
N PHE B 22 -12.74 -3.84 14.71
CA PHE B 22 -11.64 -4.14 13.80
C PHE B 22 -10.44 -3.26 14.05
N TYR B 23 -10.46 -2.45 15.12
CA TYR B 23 -9.33 -1.56 15.39
C TYR B 23 -8.02 -2.35 15.57
N HIS B 24 -6.92 -1.68 15.26
CA HIS B 24 -5.62 -2.36 15.23
C HIS B 24 -5.10 -2.86 16.58
N ILE B 25 -5.77 -2.52 17.68
CA ILE B 25 -5.40 -3.07 18.97
C ILE B 25 -5.55 -4.56 19.05
N HIS B 26 -6.40 -5.14 18.19
CA HIS B 26 -6.55 -6.59 18.11
C HIS B 26 -5.55 -7.30 17.18
N HIS B 27 -4.65 -6.54 16.57
CA HIS B 27 -3.59 -7.16 15.81
C HIS B 27 -2.55 -7.81 16.75
N PRO B 28 -2.13 -9.04 16.47
CA PRO B 28 -1.10 -9.72 17.30
C PRO B 28 0.17 -8.94 17.50
N TYR B 29 0.60 -8.12 16.55
CA TYR B 29 1.83 -7.35 16.75
C TYR B 29 1.61 -6.26 17.82
N HIS B 30 0.45 -5.65 17.81
CA HIS B 30 0.09 -4.71 18.84
C HIS B 30 -0.02 -5.38 20.20
N ILE B 31 -0.61 -6.56 20.22
CA ILE B 31 -0.84 -7.30 21.44
C ILE B 31 0.49 -7.77 22.06
N ALA B 32 1.43 -8.21 21.21
CA ALA B 32 2.73 -8.65 21.69
C ALA B 32 3.49 -7.49 22.30
N MET B 33 3.51 -6.35 21.62
CA MET B 33 4.08 -5.14 22.17
C MET B 33 3.50 -4.76 23.53
N HIS B 34 2.17 -4.74 23.62
CA HIS B 34 1.42 -4.31 24.81
C HIS B 34 1.58 -5.29 26.00
N ASN B 35 1.87 -6.56 25.71
CA ASN B 35 2.00 -7.59 26.75
C ASN B 35 3.41 -7.69 27.29
N GLY B 36 4.36 -6.94 26.73
CA GLY B 36 5.75 -7.07 27.12
C GLY B 36 6.53 -8.17 26.42
N ASP B 37 5.93 -8.77 25.40
CA ASP B 37 6.50 -9.91 24.68
C ASP B 37 7.37 -9.61 23.48
N ALA B 38 7.47 -8.33 23.11
CA ALA B 38 8.14 -7.95 21.88
C ALA B 38 9.62 -7.72 22.09
N THR B 39 10.45 -8.01 21.10
CA THR B 39 11.89 -7.82 21.19
C THR B 39 12.27 -6.39 20.93
N ARG B 40 13.56 -6.10 21.06
CA ARG B 40 14.03 -4.74 20.88
C ARG B 40 13.86 -4.27 19.42
N LYS B 41 14.21 -5.16 18.49
CA LYS B 41 14.13 -4.90 17.07
C LYS B 41 12.68 -4.52 16.69
N GLN B 42 11.73 -5.30 17.20
CA GLN B 42 10.31 -5.15 16.98
C GLN B 42 9.77 -3.85 17.50
N ILE B 43 10.28 -3.39 18.66
CA ILE B 43 9.86 -2.11 19.22
C ILE B 43 10.38 -0.96 18.39
N GLN B 44 11.66 -1.00 18.13
CA GLN B 44 12.28 0.01 17.33
C GLN B 44 11.65 0.09 15.91
N GLY B 45 11.29 -1.06 15.35
CA GLY B 45 10.70 -1.09 14.01
C GLY B 45 9.32 -0.47 14.03
N TRP B 46 8.60 -0.69 15.11
CA TRP B 46 7.28 -0.13 15.27
C TRP B 46 7.37 1.37 15.34
N VAL B 47 8.27 1.90 16.16
CA VAL B 47 8.38 3.33 16.33
C VAL B 47 8.79 3.99 15.04
N ALA B 48 9.80 3.47 14.35
CA ALA B 48 10.24 4.03 13.08
C ALA B 48 9.20 3.99 11.96
N ASN B 49 8.38 2.95 11.91
CA ASN B 49 7.29 2.83 10.91
C ASN B 49 6.05 3.64 11.29
N ARG B 50 5.66 3.55 12.54
CA ARG B 50 4.61 4.41 13.05
C ARG B 50 4.98 5.90 12.82
N PHE B 51 6.27 6.22 12.80
CA PHE B 51 6.70 7.62 12.63
C PHE B 51 6.31 8.11 11.26
N TYR B 52 6.45 7.26 10.25
CA TYR B 52 6.03 7.61 8.91
C TYR B 52 4.55 7.95 8.86
N TYR B 53 3.70 7.22 9.60
CA TYR B 53 2.26 7.52 9.59
C TYR B 53 2.08 8.92 10.19
N GLN B 54 2.76 9.20 11.32
CA GLN B 54 2.62 10.50 11.98
C GLN B 54 3.13 11.68 11.15
N THR B 55 4.25 11.54 10.45
CA THR B 55 4.69 12.70 9.65
C THR B 55 3.82 12.86 8.39
N THR B 56 2.99 11.90 8.07
CA THR B 56 2.10 12.02 6.90
C THR B 56 0.75 12.65 7.25
N ILE B 57 0.35 12.54 8.51
CA ILE B 57 -0.96 13.04 8.95
C ILE B 57 -1.18 14.54 8.61
N PRO B 58 -0.19 15.39 8.83
CA PRO B 58 -0.34 16.81 8.47
C PRO B 58 -0.42 17.02 6.95
N LEU B 59 0.26 16.19 6.17
CA LEU B 59 0.12 16.29 4.71
C LEU B 59 -1.32 15.93 4.36
N LYS B 60 -1.85 14.94 5.06
CA LYS B 60 -3.20 14.42 4.81
C LYS B 60 -4.25 15.47 5.25
N ASP B 61 -4.01 16.13 6.38
CA ASP B 61 -4.92 17.18 6.83
C ASP B 61 -4.88 18.43 5.96
N ALA B 62 -3.69 18.74 5.47
CA ALA B 62 -3.54 19.82 4.54
C ALA B 62 -4.31 19.54 3.22
N ALA B 63 -4.18 18.32 2.71
CA ALA B 63 -4.96 17.85 1.52
C ALA B 63 -6.50 18.06 1.65
N ILE B 64 -7.03 17.72 2.82
CA ILE B 64 -8.43 17.92 3.14
C ILE B 64 -8.77 19.41 3.10
N MET B 65 -7.93 20.23 3.72
CA MET B 65 -8.19 21.65 3.67
C MET B 65 -8.16 22.25 2.25
N ALA B 66 -7.33 21.71 1.36
CA ALA B 66 -7.22 22.19 0.00
C ALA B 66 -8.49 21.87 -0.77
N ASN B 67 -9.25 20.89 -0.26
CA ASN B 67 -10.51 20.46 -0.89
C ASN B 67 -11.75 21.01 -0.18
N CYS B 68 -11.54 21.92 0.75
CA CYS B 68 -12.61 22.37 1.66
C CYS B 68 -12.89 23.87 1.48
N PRO B 69 -13.93 24.26 0.79
CA PRO B 69 -14.22 25.71 0.63
C PRO B 69 -14.92 26.37 1.87
N ASP B 70 -15.11 25.63 2.95
CA ASP B 70 -15.84 26.13 4.11
C ASP B 70 -14.88 26.59 5.22
N ALA B 71 -14.77 27.91 5.38
CA ALA B 71 -13.83 28.52 6.31
C ALA B 71 -13.99 28.04 7.76
N GLN B 72 -15.23 27.86 8.18
CA GLN B 72 -15.48 27.45 9.55
C GLN B 72 -14.88 26.07 9.80
N THR B 73 -15.09 25.15 8.85
CA THR B 73 -14.48 23.82 8.97
C THR B 73 -12.98 23.92 9.01
N ARG B 74 -12.41 24.72 8.11
CA ARG B 74 -10.98 24.92 8.02
C ARG B 74 -10.39 25.44 9.29
N ARG B 75 -11.15 26.25 10.03
CA ARG B 75 -10.63 26.83 11.27
C ARG B 75 -10.45 25.78 12.32
N LYS B 76 -11.37 24.82 12.41
CA LYS B 76 -11.20 23.68 13.29
C LYS B 76 -10.10 22.75 12.75
N TRP B 77 -10.11 22.49 11.45
CA TRP B 77 -9.22 21.45 10.92
C TRP B 77 -7.74 21.78 11.08
N VAL B 78 -7.34 23.05 10.98
CA VAL B 78 -5.93 23.40 10.99
C VAL B 78 -5.23 23.17 12.34
N GLN B 79 -6.01 23.09 13.42
CA GLN B 79 -5.52 22.74 14.74
C GLN B 79 -4.85 21.37 14.73
N ARG B 80 -5.26 20.49 13.81
CA ARG B 80 -4.61 19.21 13.67
C ARG B 80 -3.21 19.41 13.16
N ILE B 81 -3.03 20.36 12.23
CA ILE B 81 -1.67 20.66 11.74
C ILE B 81 -0.79 21.35 12.82
N LEU B 82 -1.35 22.36 13.47
CA LEU B 82 -0.68 23.01 14.64
C LEU B 82 -0.23 21.95 15.66
N ASP B 83 -1.13 21.03 16.03
CA ASP B 83 -0.82 19.93 16.95
C ASP B 83 0.45 19.16 16.59
N HIS B 84 0.57 18.70 15.33
CA HIS B 84 1.69 17.84 14.92
C HIS B 84 2.96 18.61 14.73
N ASP B 85 2.83 19.82 14.17
CA ASP B 85 4.00 20.56 13.75
C ASP B 85 4.51 21.43 14.90
N GLY B 86 3.64 21.73 15.85
CA GLY B 86 3.95 22.71 16.90
C GLY B 86 3.79 24.14 16.39
N SER B 87 3.31 25.04 17.27
CA SER B 87 3.11 26.46 16.95
C SER B 87 3.58 27.41 18.06
N HIS B 88 3.68 28.70 17.73
CA HIS B 88 4.07 29.73 18.72
C HIS B 88 5.52 29.48 19.12
N GLY B 89 6.31 28.94 18.17
CA GLY B 89 7.68 28.50 18.43
C GLY B 89 7.85 27.32 19.39
N GLU B 90 6.75 26.70 19.81
CA GLU B 90 6.80 25.52 20.69
C GLU B 90 6.83 24.24 19.91
N ASP B 91 6.99 23.12 20.63
CA ASP B 91 7.08 21.77 20.05
C ASP B 91 5.72 21.12 19.97
N GLY B 92 5.58 20.22 18.99
CA GLY B 92 4.32 19.53 18.78
C GLY B 92 4.46 18.03 18.79
N GLY B 93 3.40 17.34 18.40
CA GLY B 93 3.37 15.89 18.33
C GLY B 93 4.57 15.21 17.68
N ILE B 94 5.07 15.77 16.59
CA ILE B 94 6.22 15.20 15.92
C ILE B 94 7.42 15.15 16.84
N GLU B 95 7.53 16.10 17.76
CA GLU B 95 8.70 16.16 18.60
C GLU B 95 8.55 15.10 19.68
N ALA B 96 7.30 14.84 20.05
CA ALA B 96 7.01 13.75 20.96
C ALA B 96 7.53 12.44 20.37
N TRP B 97 7.18 12.16 19.10
CA TRP B 97 7.56 10.88 18.49
C TRP B 97 9.07 10.80 18.37
N LEU B 98 9.71 11.93 18.12
CA LEU B 98 11.17 11.96 18.03
C LEU B 98 11.78 11.63 19.41
N ARG B 99 11.14 12.13 20.46
CA ARG B 99 11.66 11.81 21.79
C ARG B 99 11.50 10.32 22.12
N LEU B 100 10.43 9.67 21.65
CA LEU B 100 10.27 8.24 21.83
C LEU B 100 11.34 7.44 21.07
N GLY B 101 11.67 7.90 19.88
CA GLY B 101 12.67 7.23 19.08
C GLY B 101 13.95 7.14 19.86
N GLU B 102 14.37 8.26 20.46
CA GLU B 102 15.64 8.29 21.19
C GLU B 102 15.51 7.40 22.43
N ALA B 103 14.42 7.53 23.16
CA ALA B 103 14.12 6.63 24.25
C ALA B 103 14.18 5.13 23.93
N VAL B 104 13.84 4.73 22.69
CA VAL B 104 13.95 3.31 22.34
C VAL B 104 15.24 2.99 21.67
N GLY B 105 16.13 3.98 21.52
CA GLY B 105 17.47 3.74 21.02
C GLY B 105 17.71 4.11 19.56
N LEU B 106 16.73 4.74 18.93
CA LEU B 106 16.90 5.25 17.58
C LEU B 106 17.28 6.72 17.57
N SER B 107 18.12 7.09 16.61
CA SER B 107 18.58 8.48 16.56
C SER B 107 17.60 9.33 15.78
N ARG B 108 17.57 10.62 16.07
CA ARG B 108 16.87 11.60 15.27
C ARG B 108 16.96 11.39 13.74
N ASP B 109 18.17 11.35 13.21
CA ASP B 109 18.38 11.12 11.79
C ASP B 109 17.81 9.76 11.29
N ASP B 110 17.89 8.70 12.10
CA ASP B 110 17.25 7.42 11.79
C ASP B 110 15.79 7.59 11.46
N LEU B 111 15.07 8.32 12.30
CA LEU B 111 13.63 8.53 12.11
C LEU B 111 13.30 9.47 10.98
N LEU B 112 13.84 10.70 11.08
CA LEU B 112 13.69 11.76 10.08
C LEU B 112 14.01 11.35 8.63
N SER B 113 14.98 10.49 8.44
CA SER B 113 15.36 10.07 7.12
C SER B 113 14.35 9.10 6.52
N GLU B 114 13.52 8.46 7.35
CA GLU B 114 12.53 7.49 6.90
C GLU B 114 13.16 6.24 6.37
N ARG B 115 14.45 6.08 6.55
CA ARG B 115 15.18 4.95 5.97
C ARG B 115 14.68 3.56 6.39
N HIS B 116 14.11 3.44 7.59
CA HIS B 116 13.71 2.13 8.09
C HIS B 116 12.29 1.81 7.77
N VAL B 117 11.62 2.71 7.05
CA VAL B 117 10.19 2.56 6.80
C VAL B 117 10.04 1.48 5.71
N LEU B 118 9.27 0.44 6.03
CA LEU B 118 8.99 -0.67 5.10
C LEU B 118 8.04 -0.24 3.98
N PRO B 119 8.28 -0.75 2.81
CA PRO B 119 7.43 -0.47 1.66
C PRO B 119 5.93 -0.69 1.94
N GLY B 120 5.64 -1.79 2.62
CA GLY B 120 4.28 -2.14 2.98
C GLY B 120 3.62 -1.09 3.85
N VAL B 121 4.39 -0.52 4.78
CA VAL B 121 3.89 0.58 5.58
C VAL B 121 3.69 1.82 4.72
N ARG B 122 4.66 2.13 3.90
CA ARG B 122 4.62 3.31 3.05
C ARG B 122 3.38 3.27 2.14
N PHE B 123 3.09 2.13 1.56
CA PHE B 123 1.99 2.04 0.60
C PHE B 123 0.66 2.18 1.32
N ALA B 124 0.55 1.64 2.54
CA ALA B 124 -0.70 1.79 3.25
C ALA B 124 -0.96 3.25 3.66
N VAL B 125 0.06 3.87 4.18
CA VAL B 125 -0.02 5.21 4.63
C VAL B 125 -0.22 6.16 3.49
N ASP B 126 0.45 5.91 2.36
CA ASP B 126 0.27 6.73 1.20
C ASP B 126 -1.13 6.63 0.62
N ALA B 127 -1.78 5.46 0.72
CA ALA B 127 -3.18 5.31 0.35
C ALA B 127 -4.06 6.24 1.13
N TYR B 128 -3.76 6.48 2.40
CA TYR B 128 -4.54 7.45 3.20
C TYR B 128 -4.42 8.87 2.64
N LEU B 129 -3.19 9.32 2.45
CA LEU B 129 -2.89 10.60 1.83
C LEU B 129 -3.57 10.76 0.46
N ASN B 130 -3.43 9.76 -0.40
CA ASN B 130 -4.02 9.83 -1.73
C ASN B 130 -5.56 9.89 -1.77
N PHE B 131 -6.18 9.19 -0.83
CA PHE B 131 -7.61 9.29 -0.67
C PHE B 131 -8.00 10.72 -0.25
N ALA B 132 -7.31 11.28 0.73
CA ALA B 132 -7.60 12.62 1.14
C ALA B 132 -7.38 13.65 0.00
N ARG B 133 -6.41 13.41 -0.89
CA ARG B 133 -6.16 14.30 -2.01
C ARG B 133 -7.31 14.28 -3.00
N ARG B 134 -7.96 13.14 -3.13
CA ARG B 134 -8.97 13.00 -4.20
C ARG B 134 -10.44 13.02 -3.80
N ALA B 135 -10.74 12.46 -2.65
CA ALA B 135 -12.11 12.38 -2.14
C ALA B 135 -12.68 13.73 -1.76
N CYS B 136 -13.99 13.83 -1.69
CA CYS B 136 -14.57 15.08 -1.19
C CYS B 136 -14.15 15.27 0.28
N TRP B 137 -14.04 16.52 0.74
CA TRP B 137 -13.47 16.79 2.04
C TRP B 137 -14.23 16.14 3.21
N GLN B 138 -15.54 16.00 3.07
CA GLN B 138 -16.40 15.41 4.12
C GLN B 138 -15.99 13.96 4.33
N GLU B 139 -15.76 13.26 3.22
CA GLU B 139 -15.47 11.84 3.33
C GLU B 139 -14.09 11.65 3.92
N ALA B 140 -13.13 12.49 3.53
CA ALA B 140 -11.79 12.36 4.01
C ALA B 140 -11.73 12.74 5.49
N ALA B 141 -12.46 13.78 5.84
CA ALA B 141 -12.48 14.24 7.23
C ALA B 141 -13.03 13.19 8.16
N CYS B 142 -14.13 12.59 7.77
CA CYS B 142 -14.80 11.55 8.53
C CYS B 142 -13.91 10.35 8.84
N SER B 143 -13.02 9.99 7.93
CA SER B 143 -12.15 8.86 8.18
C SER B 143 -11.24 9.04 9.42
N SER B 144 -11.04 10.29 9.88
CA SER B 144 -10.23 10.54 11.12
C SER B 144 -10.87 10.03 12.40
N LEU B 145 -12.15 9.62 12.33
CA LEU B 145 -12.89 9.27 13.55
C LEU B 145 -12.48 7.93 14.17
N THR B 146 -11.61 7.15 13.52
CA THR B 146 -11.06 5.96 14.22
C THR B 146 -10.30 6.37 15.46
N GLU B 147 -9.90 7.63 15.51
CA GLU B 147 -9.25 8.15 16.70
C GLU B 147 -10.16 7.96 17.95
N LEU B 148 -11.48 7.86 17.74
CA LEU B 148 -12.39 7.56 18.84
C LEU B 148 -12.24 6.17 19.46
N PHE B 149 -11.48 5.28 18.82
CA PHE B 149 -11.35 3.90 19.28
C PHE B 149 -10.11 3.77 20.14
N ALA B 150 -9.29 4.85 20.26
CA ALA B 150 -8.01 4.88 20.99
C ALA B 150 -8.24 4.53 22.41
N PRO B 151 -7.18 4.09 22.99
CA PRO B 151 -7.28 3.65 24.38
C PRO B 151 -7.83 4.71 25.31
N GLN B 152 -7.80 4.37 26.60
CA GLN B 152 -8.26 5.23 27.72
C GLN B 152 -7.26 6.37 28.05
N ILE B 153 -6.24 6.55 27.20
CA ILE B 153 -5.13 7.51 27.45
C ILE B 153 -4.45 6.95 28.70
N HIS B 154 -4.05 5.69 28.63
CA HIS B 154 -3.54 4.90 29.73
C HIS B 154 -2.49 5.50 30.67
N GLN B 155 -2.82 5.54 31.97
CA GLN B 155 -1.89 6.01 32.99
C GLN B 155 -2.08 5.20 34.30
N SER B 156 -3.20 4.46 34.44
CA SER B 156 -3.42 3.57 35.57
C SER B 156 -2.55 2.32 35.37
N ARG B 157 -1.57 2.47 34.47
CA ARG B 157 -0.66 1.42 34.12
C ARG B 157 0.76 1.90 34.27
N LEU B 158 1.33 1.70 35.45
CA LEU B 158 2.73 2.01 35.69
C LEU B 158 3.42 0.70 35.32
N ASP B 159 2.68 -0.41 35.43
CA ASP B 159 3.17 -1.76 35.10
C ASP B 159 3.05 -2.09 33.59
N SER B 160 3.17 -1.07 32.72
CA SER B 160 2.90 -1.27 31.28
C SER B 160 4.09 -1.23 30.32
N TRP B 161 4.81 -0.08 30.19
CA TRP B 161 5.94 -0.03 29.24
C TRP B 161 7.31 -0.05 29.92
N PRO B 162 7.58 0.89 30.81
CA PRO B 162 8.86 0.87 31.56
C PRO B 162 9.09 -0.43 32.33
N GLN B 163 7.81 -0.67 32.63
CA GLN B 163 8.10 -1.83 33.49
C GLN B 163 8.55 -2.96 32.60
N HIS B 164 7.74 -3.18 31.55
CA HIS B 164 7.91 -4.29 30.61
C HIS B 164 9.24 -4.25 29.85
N TYR B 165 9.70 -3.05 29.53
CA TYR B 165 10.95 -2.88 28.80
C TYR B 165 11.87 -1.88 29.54
N PRO B 166 12.68 -2.39 30.47
CA PRO B 166 13.54 -1.53 31.29
C PRO B 166 14.56 -0.82 30.45
N TRP B 167 14.87 -1.31 29.24
CA TRP B 167 15.92 -0.68 28.42
C TRP B 167 15.46 0.63 27.78
N ILE B 168 14.16 0.92 27.87
CA ILE B 168 13.61 2.17 27.36
C ILE B 168 13.80 3.31 28.37
N LYS B 169 14.46 4.37 27.92
CA LYS B 169 14.77 5.50 28.74
C LYS B 169 13.50 6.23 29.22
N GLU B 170 13.38 6.43 30.53
CA GLU B 170 12.19 7.01 31.16
C GLU B 170 11.94 8.48 30.80
N GLU B 171 13.01 9.26 30.70
CA GLU B 171 12.92 10.69 30.33
C GLU B 171 12.13 10.83 29.01
N GLY B 172 12.67 10.23 27.94
CA GLY B 172 12.04 10.29 26.62
C GLY B 172 10.60 9.80 26.57
N TYR B 173 10.35 8.68 27.24
CA TYR B 173 9.06 8.05 27.21
C TYR B 173 7.99 8.93 27.81
N PHE B 174 8.41 9.67 28.85
CA PHE B 174 7.50 10.47 29.66
C PHE B 174 7.23 11.76 28.91
N TYR B 175 8.25 12.36 28.30
CA TYR B 175 8.04 13.48 27.40
C TYR B 175 7.05 13.11 26.26
N PHE B 176 7.12 11.87 25.77
CA PHE B 176 6.24 11.44 24.69
C PHE B 176 4.81 11.41 25.16
N ARG B 177 4.57 10.79 26.32
CA ARG B 177 3.21 10.61 26.87
C ARG B 177 2.57 11.95 27.23
N SER B 178 3.42 12.90 27.58
CA SER B 178 2.97 14.21 28.02
C SER B 178 2.71 15.19 26.87
N ARG B 179 3.59 15.16 25.83
CA ARG B 179 3.25 16.04 24.68
C ARG B 179 1.90 15.61 24.05
N LEU B 180 1.64 14.29 24.00
CA LEU B 180 0.47 13.75 23.31
C LEU B 180 -0.85 13.95 24.06
N SER B 181 -0.83 13.89 25.40
CA SER B 181 -2.05 14.14 26.18
C SER B 181 -2.48 15.61 26.10
N GLN B 182 -1.61 16.45 25.52
CA GLN B 182 -1.89 17.88 25.30
C GLN B 182 -2.41 18.29 23.91
N ALA B 183 -3.03 17.38 23.18
CA ALA B 183 -3.56 17.73 21.86
C ALA B 183 -4.81 18.61 21.99
N ASN B 184 -4.93 19.58 21.08
CA ASN B 184 -6.07 20.52 21.03
C ASN B 184 -7.12 20.29 19.93
N ARG B 185 -6.90 19.29 19.07
CA ARG B 185 -7.86 18.92 18.02
C ARG B 185 -9.11 18.24 18.60
N ASP B 186 -10.26 18.59 18.02
CA ASP B 186 -11.54 18.00 18.37
C ASP B 186 -11.63 16.65 17.70
N VAL B 187 -11.27 15.63 18.46
CA VAL B 187 -11.26 14.23 18.06
C VAL B 187 -12.64 13.73 17.65
N GLU B 188 -13.68 14.45 18.09
CA GLU B 188 -15.06 14.12 17.77
C GLU B 188 -15.57 14.65 16.42
N HIS B 189 -14.89 15.67 15.85
CA HIS B 189 -15.36 16.40 14.63
C HIS B 189 -15.77 15.42 13.54
N GLY B 190 -15.01 14.36 13.39
CA GLY B 190 -15.23 13.35 12.36
C GLY B 190 -16.60 12.69 12.46
N LEU B 191 -16.92 12.26 13.68
CA LEU B 191 -18.23 11.70 13.98
C LEU B 191 -19.37 12.70 13.82
N ALA B 192 -19.22 13.91 14.33
CA ALA B 192 -20.26 14.94 14.17
C ALA B 192 -20.53 15.22 12.69
N LEU B 193 -19.46 15.30 11.91
CA LEU B 193 -19.59 15.54 10.50
C LEU B 193 -20.29 14.34 9.82
N ALA B 194 -19.85 13.13 10.13
CA ALA B 194 -20.47 11.96 9.54
C ALA B 194 -21.97 11.91 9.80
N LYS B 195 -22.38 12.31 11.02
CA LYS B 195 -23.80 12.26 11.48
C LYS B 195 -24.65 13.27 10.71
N ALA B 196 -24.10 14.47 10.54
CA ALA B 196 -24.73 15.52 9.74
C ALA B 196 -24.67 15.22 8.24
N TYR B 197 -23.54 14.72 7.72
CA TYR B 197 -23.36 14.64 6.26
C TYR B 197 -24.02 13.38 5.71
N CYS B 198 -23.86 12.25 6.37
CA CYS B 198 -24.43 11.01 5.81
C CYS B 198 -25.87 10.88 6.20
N ASP B 199 -26.73 11.45 5.37
CA ASP B 199 -28.15 11.54 5.65
C ASP B 199 -28.95 10.73 4.64
N SER B 200 -28.33 9.76 3.99
CA SER B 200 -29.05 8.79 3.19
C SER B 200 -28.42 7.43 3.37
N ALA B 201 -29.18 6.39 3.02
CA ALA B 201 -28.69 5.03 3.12
C ALA B 201 -27.41 4.92 2.29
N GLU B 202 -27.47 5.42 1.06
CA GLU B 202 -26.31 5.26 0.18
C GLU B 202 -25.00 5.93 0.76
N LYS B 203 -25.10 7.11 1.33
CA LYS B 203 -23.92 7.77 1.96
C LYS B 203 -23.39 7.03 3.22
N GLN B 204 -24.32 6.40 3.94
CA GLN B 204 -24.03 5.80 5.21
C GLN B 204 -23.29 4.52 4.94
N ASN B 205 -23.75 3.77 3.95
CA ASN B 205 -23.07 2.56 3.52
C ASN B 205 -21.66 2.88 2.99
N ARG B 206 -21.55 3.94 2.17
CA ARG B 206 -20.26 4.35 1.69
C ARG B 206 -19.33 4.80 2.84
N MET B 207 -19.86 5.53 3.81
CA MET B 207 -19.01 5.98 4.93
C MET B 207 -18.48 4.81 5.76
N LEU B 208 -19.24 3.75 5.88
CA LEU B 208 -18.84 2.56 6.64
C LEU B 208 -17.73 1.84 5.87
N GLU B 209 -17.80 1.90 4.53
CA GLU B 209 -16.74 1.33 3.70
C GLU B 209 -15.46 2.18 3.79
N ILE B 210 -15.60 3.49 3.84
CA ILE B 210 -14.46 4.39 3.99
C ILE B 210 -13.77 4.14 5.33
N LEU B 211 -14.57 3.87 6.36
CA LEU B 211 -14.06 3.58 7.72
C LEU B 211 -13.33 2.26 7.70
N GLN B 212 -13.91 1.31 6.97
CA GLN B 212 -13.24 0.02 6.79
C GLN B 212 -11.87 0.21 6.11
N PHE B 213 -11.80 1.05 5.08
CA PHE B 213 -10.55 1.36 4.40
C PHE B 213 -9.55 1.87 5.38
N LYS B 214 -9.98 2.78 6.25
CA LYS B 214 -9.05 3.32 7.20
C LYS B 214 -8.49 2.26 8.18
N LEU B 215 -9.33 1.32 8.55
CA LEU B 215 -8.94 0.29 9.48
C LEU B 215 -7.99 -0.68 8.78
N ASP B 216 -8.27 -0.92 7.48
CA ASP B 216 -7.45 -1.84 6.65
C ASP B 216 -6.04 -1.25 6.56
N ILE B 217 -5.93 0.08 6.50
CA ILE B 217 -4.60 0.72 6.50
C ILE B 217 -3.76 0.45 7.75
N LEU B 218 -4.36 0.64 8.90
CA LEU B 218 -3.66 0.41 10.18
C LEU B 218 -3.29 -1.06 10.35
N TRP B 219 -4.22 -1.96 10.00
CA TRP B 219 -3.94 -3.39 10.12
C TRP B 219 -2.80 -3.81 9.18
N SER B 220 -2.87 -3.31 7.95
CA SER B 220 -1.88 -3.63 6.94
C SER B 220 -0.50 -3.07 7.29
N MET B 221 -0.44 -1.94 7.99
CA MET B 221 0.85 -1.47 8.50
C MET B 221 1.46 -2.51 9.41
N LEU B 222 0.65 -3.08 10.28
CA LEU B 222 1.17 -4.04 11.23
C LEU B 222 1.46 -5.39 10.57
N ASP B 223 0.76 -5.75 9.53
CA ASP B 223 1.13 -6.97 8.79
C ASP B 223 2.54 -6.84 8.25
N ALA B 224 2.84 -5.70 7.68
CA ALA B 224 4.16 -5.49 7.11
C ALA B 224 5.26 -5.59 8.20
N MET B 225 5.00 -5.01 9.37
CA MET B 225 5.96 -5.07 10.46
C MET B 225 6.13 -6.54 10.92
N THR B 226 5.05 -7.29 10.99
CA THR B 226 5.08 -8.70 11.41
C THR B 226 5.99 -9.53 10.48
N MET B 227 5.75 -9.41 9.19
CA MET B 227 6.57 -10.07 8.18
C MET B 227 8.04 -9.74 8.37
N ALA B 228 8.33 -8.46 8.54
CA ALA B 228 9.72 -8.03 8.65
C ALA B 228 10.42 -8.38 9.97
N TYR B 229 9.78 -8.07 11.09
CA TYR B 229 10.45 -8.06 12.38
C TYR B 229 10.06 -9.23 13.28
N ALA B 230 8.96 -9.91 12.99
CA ALA B 230 8.53 -11.09 13.77
C ALA B 230 8.77 -12.40 13.04
N LEU B 231 8.69 -12.41 11.71
CA LEU B 231 8.75 -13.68 11.02
C LEU B 231 10.01 -13.80 10.17
N GLN B 232 10.90 -12.84 10.33
CA GLN B 232 12.18 -12.87 9.67
C GLN B 232 12.08 -12.79 8.14
N ARG B 233 11.07 -12.10 7.63
CA ARG B 233 10.85 -12.08 6.21
C ARG B 233 10.75 -10.68 5.62
N PRO B 234 11.77 -9.87 5.82
CA PRO B 234 11.69 -8.53 5.27
C PRO B 234 11.88 -8.60 3.78
N PRO B 235 11.50 -7.54 3.11
CA PRO B 235 11.60 -7.53 1.66
C PRO B 235 12.97 -8.05 1.20
N TYR B 236 12.96 -8.95 0.23
CA TYR B 236 14.16 -9.40 -0.47
C TYR B 236 15.06 -10.27 0.41
N HIS B 237 14.53 -10.79 1.50
CA HIS B 237 15.34 -11.59 2.39
C HIS B 237 15.96 -12.76 1.66
N THR B 238 15.35 -13.25 0.57
CA THR B 238 15.95 -14.40 -0.12
C THR B 238 17.15 -14.00 -1.00
N VAL B 239 17.34 -12.72 -1.26
CA VAL B 239 18.43 -12.30 -2.14
C VAL B 239 19.53 -11.51 -1.44
N THR B 240 19.25 -10.81 -0.35
CA THR B 240 20.28 -10.05 0.36
C THR B 240 19.89 -9.92 1.82
N ASP B 241 20.88 -9.68 2.69
CA ASP B 241 20.65 -9.35 4.10
C ASP B 241 20.53 -7.86 4.37
N LYS B 242 20.80 -7.04 3.37
CA LYS B 242 20.70 -5.59 3.51
C LYS B 242 19.29 -5.10 3.18
N ALA B 243 18.94 -3.97 3.73
CA ALA B 243 17.76 -3.23 3.37
C ALA B 243 17.91 -2.65 1.96
N ALA B 244 17.06 -3.08 1.02
CA ALA B 244 17.19 -2.58 -0.34
C ALA B 244 15.93 -1.90 -0.89
N TRP B 245 14.90 -1.74 -0.07
CA TRP B 245 13.67 -1.12 -0.51
C TRP B 245 13.92 0.37 -0.78
N HIS B 246 13.05 0.99 -1.58
CA HIS B 246 13.12 2.43 -1.82
C HIS B 246 12.78 3.18 -0.51
N THR B 247 13.37 4.38 -0.39
CA THR B 247 13.41 5.17 0.87
C THR B 247 12.99 6.61 0.67
N THR B 248 12.40 6.90 -0.48
CA THR B 248 12.10 8.27 -0.87
C THR B 248 10.62 8.43 -1.11
N ARG B 249 10.04 9.54 -0.62
CA ARG B 249 8.70 9.99 -1.07
C ARG B 249 8.85 10.60 -2.48
N LEU B 250 8.78 9.74 -3.49
CA LEU B 250 9.26 10.05 -4.83
C LEU B 250 8.49 11.19 -5.46
N VAL B 251 7.22 11.27 -5.15
CA VAL B 251 6.42 12.29 -5.75
C VAL B 251 6.57 13.68 -5.08
N LEU B 252 7.08 13.71 -3.86
CA LEU B 252 7.16 14.96 -3.08
C LEU B 252 8.58 15.52 -2.93
N GLU B 253 9.61 14.74 -3.20
CA GLU B 253 10.99 15.15 -3.01
C GLU B 253 11.85 14.50 -4.10
N HIS B 254 12.81 15.23 -4.65
CA HIS B 254 13.66 14.68 -5.70
C HIS B 254 14.63 13.58 -5.15
N HIS B 255 15.38 13.94 -4.09
CA HIS B 255 16.38 13.09 -3.41
C HIS B 255 16.48 13.43 -1.91
#